data_8TI6
#
_entry.id   8TI6
#
_cell.length_a   54.974
_cell.length_b   54.974
_cell.length_c   79.315
_cell.angle_alpha   90.000
_cell.angle_beta   90.000
_cell.angle_gamma   120.000
#
_symmetry.space_group_name_H-M   'P 31 2 1'
#
loop_
_entity.id
_entity.type
_entity.pdbx_description
1 polymer Profilin
2 polymer 'Proline-rich peptide'
3 non-polymer 'SULFATE ION'
4 water water
#
loop_
_entity_poly.entity_id
_entity_poly.type
_entity_poly.pdbx_seq_one_letter_code
_entity_poly.pdbx_strand_id
1 'polypeptide(L)'
;MHHHHHHSSGVDLGTENLYFQSGSGSWQSYVDNQICQHVDCRLAVIAGLQDGAVWAKFEKDLPKQITQQELKTIADAIRS
NPNSFLEGGIHLGGEKYICIQADNSLVRGRKGSSALCIVATNTCLLAAATVDGFPPGQLNNVVEKLGDYLKANNY
;
A
2 'polypeptide(L)' IPKVPPGPNI B
#
# COMPACT_ATOMS: atom_id res chain seq x y z
N SER A 26 5.45 -17.10 4.40
CA SER A 26 6.40 -15.96 4.46
C SER A 26 5.64 -14.66 4.15
N TRP A 27 6.24 -13.53 4.52
CA TRP A 27 5.65 -12.25 4.17
C TRP A 27 5.57 -12.13 2.66
N GLN A 28 6.59 -12.64 1.96
CA GLN A 28 6.59 -12.52 0.52
C GLN A 28 5.44 -13.32 -0.10
N SER A 29 5.04 -14.45 0.49
N SER A 29 5.06 -14.44 0.51
CA SER A 29 3.93 -15.21 -0.08
CA SER A 29 3.95 -15.24 0.01
C SER A 29 2.61 -14.43 0.08
C SER A 29 2.64 -14.46 0.10
N TYR A 30 2.46 -13.64 1.15
CA TYR A 30 1.26 -12.82 1.26
C TYR A 30 1.17 -11.81 0.12
N VAL A 31 2.32 -11.20 -0.20
CA VAL A 31 2.37 -10.25 -1.28
C VAL A 31 2.09 -10.96 -2.61
N ASP A 32 2.82 -12.06 -2.88
CA ASP A 32 2.75 -12.65 -4.21
C ASP A 32 1.43 -13.37 -4.43
N ASN A 33 0.86 -13.96 -3.38
CA ASN A 33 -0.36 -14.76 -3.53
CA ASN A 33 -0.35 -14.77 -3.53
C ASN A 33 -1.61 -13.99 -3.13
N GLN A 34 -1.71 -13.68 -1.82
CA GLN A 34 -2.91 -13.05 -1.32
C GLN A 34 -3.19 -11.71 -1.99
N ILE A 35 -2.16 -10.93 -2.28
CA ILE A 35 -2.41 -9.69 -3.04
CA ILE A 35 -2.40 -9.69 -3.04
C ILE A 35 -2.31 -9.89 -4.56
N CYS A 36 -1.11 -10.28 -5.01
CA CYS A 36 -0.84 -10.14 -6.43
C CYS A 36 -1.32 -11.30 -7.31
N GLN A 37 -1.94 -12.34 -6.75
CA GLN A 37 -2.69 -13.29 -7.56
C GLN A 37 -4.18 -12.97 -7.54
N HIS A 38 -4.60 -11.95 -6.77
CA HIS A 38 -6.00 -11.55 -6.70
C HIS A 38 -6.23 -10.19 -7.37
N VAL A 39 -5.16 -9.43 -7.55
CA VAL A 39 -5.21 -8.23 -8.36
C VAL A 39 -3.99 -8.21 -9.27
N ASP A 40 -4.01 -7.37 -10.30
CA ASP A 40 -2.93 -7.24 -11.25
C ASP A 40 -2.06 -6.07 -10.77
N CYS A 41 -0.96 -6.40 -10.10
CA CYS A 41 -0.15 -5.46 -9.34
C CYS A 41 0.85 -4.72 -10.21
N ARG A 42 0.94 -3.41 -9.93
CA ARG A 42 2.11 -2.60 -10.31
CA ARG A 42 2.10 -2.61 -10.30
C ARG A 42 3.13 -2.64 -9.15
N LEU A 43 2.62 -2.67 -7.91
CA LEU A 43 3.46 -2.79 -6.72
C LEU A 43 2.63 -3.32 -5.58
N ALA A 44 3.30 -3.98 -4.64
CA ALA A 44 2.69 -4.41 -3.40
C ALA A 44 3.77 -4.52 -2.36
N VAL A 45 3.50 -4.07 -1.14
CA VAL A 45 4.50 -4.04 -0.09
C VAL A 45 3.85 -4.22 1.27
N ILE A 46 4.58 -4.93 2.13
CA ILE A 46 4.29 -5.00 3.54
C ILE A 46 5.50 -4.46 4.28
N ALA A 47 5.28 -3.45 5.12
CA ALA A 47 6.37 -2.79 5.81
C ALA A 47 6.01 -2.60 7.28
N GLY A 48 7.02 -2.41 8.12
CA GLY A 48 6.77 -2.08 9.51
C GLY A 48 6.20 -0.67 9.69
N LEU A 49 5.20 -0.56 10.57
CA LEU A 49 4.49 0.68 10.78
C LEU A 49 5.31 1.68 11.58
N GLN A 50 6.30 1.20 12.36
CA GLN A 50 7.11 2.09 13.17
C GLN A 50 8.26 2.69 12.36
N ASP A 51 8.94 1.86 11.55
CA ASP A 51 10.20 2.26 10.92
C ASP A 51 10.18 2.19 9.40
N GLY A 52 9.10 1.69 8.81
CA GLY A 52 9.03 1.54 7.37
C GLY A 52 9.93 0.47 6.76
N ALA A 53 10.49 -0.44 7.59
CA ALA A 53 11.30 -1.55 7.11
C ALA A 53 10.44 -2.43 6.21
N VAL A 54 11.02 -2.85 5.09
CA VAL A 54 10.31 -3.67 4.12
C VAL A 54 10.37 -5.12 4.59
N TRP A 55 9.20 -5.73 4.77
CA TRP A 55 9.10 -7.14 5.09
C TRP A 55 8.97 -7.98 3.83
N ALA A 56 8.25 -7.46 2.83
CA ALA A 56 8.07 -8.13 1.56
C ALA A 56 7.64 -7.08 0.54
N LYS A 57 8.01 -7.30 -0.72
CA LYS A 57 7.59 -6.38 -1.77
C LYS A 57 7.66 -7.04 -3.12
N PHE A 58 6.75 -6.59 -3.99
CA PHE A 58 6.72 -6.97 -5.39
C PHE A 58 6.62 -5.68 -6.20
N GLU A 59 7.37 -5.59 -7.29
CA GLU A 59 7.33 -4.45 -8.20
C GLU A 59 7.25 -4.93 -9.64
N LYS A 60 6.56 -4.15 -10.47
N LYS A 60 6.57 -4.14 -10.48
N LYS A 60 6.56 -4.13 -10.47
CA LYS A 60 6.49 -4.45 -11.90
CA LYS A 60 6.49 -4.45 -11.90
CA LYS A 60 6.49 -4.43 -11.90
C LYS A 60 7.53 -3.58 -12.62
C LYS A 60 7.53 -3.58 -12.62
C LYS A 60 7.53 -3.57 -12.60
N ASP A 61 7.11 -2.40 -13.10
CA ASP A 61 7.99 -1.54 -13.90
C ASP A 61 7.95 -0.13 -13.32
N LEU A 62 8.57 0.06 -12.15
CA LEU A 62 8.51 1.34 -11.46
C LEU A 62 9.70 2.19 -11.85
N PRO A 63 9.55 3.52 -11.84
CA PRO A 63 10.68 4.43 -12.10
C PRO A 63 11.83 4.26 -11.13
N LYS A 64 11.51 3.99 -9.87
CA LYS A 64 12.50 3.75 -8.83
C LYS A 64 11.99 2.62 -7.93
N GLN A 65 12.89 1.84 -7.34
CA GLN A 65 12.48 0.86 -6.36
C GLN A 65 11.91 1.58 -5.14
N ILE A 66 10.89 0.97 -4.54
CA ILE A 66 10.30 1.48 -3.31
C ILE A 66 11.38 1.51 -2.23
N THR A 67 11.35 2.58 -1.43
CA THR A 67 12.32 2.75 -0.35
C THR A 67 11.67 2.76 1.03
N GLN A 68 12.51 2.44 2.04
CA GLN A 68 12.13 2.62 3.44
C GLN A 68 11.76 4.09 3.69
N GLN A 69 12.47 5.03 3.07
CA GLN A 69 12.13 6.42 3.33
CA GLN A 69 12.14 6.44 3.29
C GLN A 69 10.70 6.71 2.87
N GLU A 70 10.30 6.21 1.71
CA GLU A 70 8.94 6.44 1.23
C GLU A 70 7.96 5.82 2.21
N LEU A 71 8.25 4.60 2.67
CA LEU A 71 7.33 3.88 3.53
C LEU A 71 7.22 4.53 4.90
N LYS A 72 8.37 4.97 5.46
CA LYS A 72 8.35 5.65 6.75
C LYS A 72 7.56 6.97 6.65
N THR A 73 7.70 7.70 5.54
CA THR A 73 6.93 8.93 5.36
C THR A 73 5.43 8.61 5.42
N ILE A 74 5.01 7.56 4.72
CA ILE A 74 3.61 7.16 4.71
C ILE A 74 3.19 6.74 6.11
N ALA A 75 3.98 5.88 6.77
CA ALA A 75 3.65 5.40 8.10
C ALA A 75 3.48 6.56 9.08
N ASP A 76 4.40 7.53 9.04
CA ASP A 76 4.32 8.64 9.97
C ASP A 76 3.08 9.49 9.73
N ALA A 77 2.72 9.68 8.46
CA ALA A 77 1.54 10.50 8.14
C ALA A 77 0.25 9.77 8.53
N ILE A 78 0.15 8.47 8.24
CA ILE A 78 -1.09 7.74 8.55
C ILE A 78 -1.26 7.69 10.06
N ARG A 79 -0.15 7.69 10.82
CA ARG A 79 -0.25 7.63 12.28
C ARG A 79 -0.56 8.99 12.88
N SER A 80 0.00 10.08 12.35
CA SER A 80 -0.09 11.40 13.01
CA SER A 80 -0.10 11.39 13.01
C SER A 80 -0.89 12.51 12.31
N ASN A 81 -0.99 12.43 10.98
CA ASN A 81 -1.70 13.49 10.24
C ASN A 81 -2.04 13.00 8.83
N PRO A 82 -3.13 12.23 8.69
CA PRO A 82 -3.55 11.76 7.37
C PRO A 82 -3.82 12.90 6.38
N ASN A 83 -4.20 14.11 6.84
CA ASN A 83 -4.37 15.25 5.93
C ASN A 83 -3.11 15.61 5.15
N SER A 84 -1.92 15.23 5.67
CA SER A 84 -0.70 15.60 4.99
C SER A 84 -0.63 15.05 3.55
N PHE A 85 -1.36 13.96 3.28
CA PHE A 85 -1.34 13.37 1.94
C PHE A 85 -2.01 14.27 0.90
N LEU A 86 -2.85 15.21 1.35
CA LEU A 86 -3.46 16.16 0.43
C LEU A 86 -2.46 17.13 -0.18
N GLU A 87 -1.46 17.54 0.58
CA GLU A 87 -0.41 18.41 0.07
C GLU A 87 0.71 17.55 -0.50
N GLY A 88 0.89 17.60 -1.81
CA GLY A 88 2.01 16.91 -2.44
C GLY A 88 1.86 15.39 -2.63
N GLY A 89 0.80 14.75 -2.12
CA GLY A 89 0.43 13.44 -2.62
C GLY A 89 1.07 12.30 -1.84
N ILE A 90 0.99 11.12 -2.45
CA ILE A 90 1.49 9.89 -1.86
C ILE A 90 2.60 9.40 -2.79
N HIS A 91 3.83 9.32 -2.25
CA HIS A 91 4.99 9.00 -3.06
C HIS A 91 5.45 7.56 -2.79
N LEU A 92 5.43 6.74 -3.84
CA LEU A 92 5.82 5.34 -3.72
C LEU A 92 6.40 4.91 -5.06
N GLY A 93 7.58 4.29 -5.04
CA GLY A 93 8.21 3.83 -6.28
C GLY A 93 8.59 4.97 -7.21
N GLY A 94 8.87 6.14 -6.65
CA GLY A 94 9.24 7.30 -7.45
C GLY A 94 8.07 7.91 -8.21
N GLU A 95 6.85 7.52 -7.83
CA GLU A 95 5.65 8.04 -8.47
C GLU A 95 4.77 8.71 -7.43
N LYS A 96 4.08 9.76 -7.87
CA LYS A 96 3.15 10.51 -7.03
C LYS A 96 1.71 10.14 -7.37
N TYR A 97 0.99 9.73 -6.32
N TYR A 97 0.99 9.63 -6.36
CA TYR A 97 -0.43 9.43 -6.43
CA TYR A 97 -0.42 9.26 -6.41
C TYR A 97 -1.19 10.55 -5.72
C TYR A 97 -1.23 10.36 -5.69
N ILE A 98 -2.22 11.07 -6.36
N ILE A 98 -2.30 10.83 -6.32
CA ILE A 98 -3.11 12.03 -5.72
CA ILE A 98 -3.09 11.90 -5.74
C ILE A 98 -4.03 11.28 -4.74
C ILE A 98 -4.12 11.29 -4.77
N CYS A 99 -4.25 11.90 -3.58
CA CYS A 99 -5.03 11.27 -2.52
C CYS A 99 -6.52 11.45 -2.74
N ILE A 100 -7.27 10.36 -2.64
CA ILE A 100 -8.72 10.41 -2.70
C ILE A 100 -9.40 9.99 -1.39
N GLN A 101 -8.63 9.50 -0.43
N GLN A 101 -8.69 9.30 -0.50
CA GLN A 101 -9.22 9.10 0.85
CA GLN A 101 -9.17 9.00 0.85
C GLN A 101 -8.08 8.93 1.83
C GLN A 101 -7.99 9.05 1.79
N ALA A 102 -8.24 9.48 3.03
CA ALA A 102 -7.20 9.39 4.05
C ALA A 102 -7.80 9.42 5.43
N ASP A 103 -7.42 8.44 6.24
CA ASP A 103 -7.71 8.45 7.68
C ASP A 103 -6.60 7.63 8.33
N ASN A 104 -6.70 7.28 9.61
CA ASN A 104 -5.60 6.66 10.31
C ASN A 104 -5.44 5.17 10.03
N SER A 105 -6.36 4.59 9.27
CA SER A 105 -6.12 3.21 8.92
C SER A 105 -6.25 2.88 7.45
N LEU A 106 -6.64 3.84 6.62
CA LEU A 106 -6.87 3.59 5.20
C LEU A 106 -6.56 4.84 4.42
N VAL A 107 -5.72 4.71 3.38
CA VAL A 107 -5.39 5.80 2.48
C VAL A 107 -5.53 5.25 1.07
N ARG A 108 -6.19 6.01 0.20
CA ARG A 108 -6.33 5.62 -1.20
C ARG A 108 -5.90 6.75 -2.10
N GLY A 109 -5.37 6.38 -3.26
CA GLY A 109 -4.92 7.37 -4.22
C GLY A 109 -5.06 6.86 -5.65
N ARG A 110 -4.73 7.79 -6.57
CA ARG A 110 -4.82 7.52 -7.99
C ARG A 110 -3.63 8.17 -8.68
N LYS A 111 -3.07 7.49 -9.68
CA LYS A 111 -2.15 8.11 -10.61
C LYS A 111 -2.65 7.74 -12.00
N GLY A 112 -3.31 8.69 -12.67
CA GLY A 112 -4.04 8.33 -13.85
C GLY A 112 -5.11 7.29 -13.56
N SER A 113 -5.06 6.16 -14.28
CA SER A 113 -6.01 5.10 -14.04
C SER A 113 -5.41 4.01 -13.17
N SER A 114 -4.29 4.27 -12.48
CA SER A 114 -3.75 3.32 -11.51
C SER A 114 -4.24 3.67 -10.11
N ALA A 115 -4.88 2.71 -9.45
CA ALA A 115 -5.37 2.86 -8.09
C ALA A 115 -4.31 2.40 -7.10
N LEU A 116 -4.30 3.05 -5.93
CA LEU A 116 -3.43 2.74 -4.80
C LEU A 116 -4.30 2.58 -3.55
N CYS A 117 -4.02 1.56 -2.75
CA CYS A 117 -4.70 1.35 -1.49
C CYS A 117 -3.67 1.01 -0.43
N ILE A 118 -3.75 1.68 0.72
CA ILE A 118 -2.83 1.50 1.83
C ILE A 118 -3.64 1.30 3.09
N VAL A 119 -3.24 0.30 3.88
N VAL A 119 -3.38 0.23 3.84
CA VAL A 119 -3.88 -0.01 5.13
CA VAL A 119 -4.03 0.02 5.13
C VAL A 119 -2.81 -0.04 6.22
C VAL A 119 -2.95 -0.15 6.20
N ALA A 120 -3.23 0.43 7.38
CA ALA A 120 -2.43 0.23 8.59
C ALA A 120 -3.11 -0.83 9.45
N THR A 121 -2.32 -1.85 9.81
CA THR A 121 -2.75 -2.88 10.75
C THR A 121 -2.18 -2.51 12.12
N ASN A 122 -2.12 -3.44 13.07
CA ASN A 122 -1.57 -3.13 14.37
C ASN A 122 -0.06 -2.88 14.29
N THR A 123 0.64 -3.53 13.34
CA THR A 123 2.10 -3.47 13.30
C THR A 123 2.67 -3.20 11.91
N CYS A 124 1.82 -3.24 10.87
CA CYS A 124 2.23 -3.23 9.47
CA CYS A 124 2.38 -3.05 9.54
C CYS A 124 1.55 -2.09 8.70
N LEU A 125 2.22 -1.67 7.63
CA LEU A 125 1.66 -0.95 6.51
C LEU A 125 1.55 -1.91 5.34
N LEU A 126 0.36 -2.04 4.78
CA LEU A 126 0.13 -2.80 3.55
CA LEU A 126 0.12 -2.80 3.54
C LEU A 126 -0.25 -1.83 2.44
N ALA A 127 0.51 -1.85 1.34
CA ALA A 127 0.24 -0.93 0.24
C ALA A 127 0.24 -1.75 -1.05
N ALA A 128 -0.68 -1.45 -1.95
CA ALA A 128 -0.63 -2.04 -3.29
C ALA A 128 -1.20 -1.04 -4.28
N ALA A 129 -0.64 -1.04 -5.49
CA ALA A 129 -1.20 -0.28 -6.58
C ALA A 129 -1.37 -1.21 -7.77
N THR A 130 -2.40 -0.95 -8.56
CA THR A 130 -2.72 -1.85 -9.66
C THR A 130 -2.36 -1.22 -11.00
N VAL A 131 -2.26 -2.08 -11.99
CA VAL A 131 -1.96 -1.61 -13.34
C VAL A 131 -3.07 -0.69 -13.84
N ASP A 132 -2.76 0.11 -14.84
CA ASP A 132 -3.72 1.05 -15.40
C ASP A 132 -5.00 0.31 -15.80
N GLY A 133 -6.12 0.82 -15.27
CA GLY A 133 -7.48 0.34 -15.58
C GLY A 133 -8.10 -0.72 -14.66
N PHE A 134 -7.29 -1.36 -13.82
CA PHE A 134 -7.79 -2.37 -12.91
C PHE A 134 -8.77 -1.70 -11.96
N PRO A 135 -9.92 -2.37 -11.69
CA PRO A 135 -10.98 -1.80 -10.86
C PRO A 135 -10.51 -1.44 -9.45
N PRO A 136 -10.65 -0.17 -9.04
CA PRO A 136 -10.17 0.21 -7.70
C PRO A 136 -10.81 -0.63 -6.60
N GLY A 137 -12.12 -0.91 -6.71
CA GLY A 137 -12.79 -1.63 -5.63
C GLY A 137 -12.26 -3.03 -5.37
N GLN A 138 -11.81 -3.74 -6.41
CA GLN A 138 -11.23 -5.07 -6.22
C GLN A 138 -9.91 -4.92 -5.48
N LEU A 139 -9.11 -3.90 -5.85
CA LEU A 139 -7.88 -3.64 -5.12
C LEU A 139 -8.17 -3.38 -3.63
N ASN A 140 -9.11 -2.49 -3.39
CA ASN A 140 -9.45 -2.13 -2.03
C ASN A 140 -9.91 -3.34 -1.24
N ASN A 141 -10.77 -4.17 -1.83
N ASN A 141 -10.78 -4.16 -1.83
CA ASN A 141 -11.31 -5.35 -1.16
CA ASN A 141 -11.29 -5.35 -1.16
C ASN A 141 -10.18 -6.33 -0.81
C ASN A 141 -10.14 -6.28 -0.77
N VAL A 142 -9.23 -6.55 -1.72
CA VAL A 142 -8.16 -7.49 -1.44
C VAL A 142 -7.22 -6.98 -0.36
N VAL A 143 -6.83 -5.70 -0.45
CA VAL A 143 -5.92 -5.16 0.56
C VAL A 143 -6.59 -5.12 1.94
N GLU A 144 -7.82 -4.64 1.98
CA GLU A 144 -8.55 -4.53 3.24
C GLU A 144 -8.75 -5.93 3.84
N LYS A 145 -9.03 -6.95 3.02
CA LYS A 145 -9.23 -8.32 3.52
C LYS A 145 -7.95 -8.86 4.14
N LEU A 146 -6.80 -8.66 3.47
CA LEU A 146 -5.54 -9.09 4.04
C LEU A 146 -5.26 -8.33 5.34
N GLY A 147 -5.48 -7.01 5.34
CA GLY A 147 -5.33 -6.22 6.56
C GLY A 147 -6.17 -6.78 7.70
N ASP A 148 -7.40 -7.14 7.40
CA ASP A 148 -8.29 -7.68 8.43
C ASP A 148 -7.75 -9.00 8.97
N TYR A 149 -7.24 -9.85 8.07
CA TYR A 149 -6.64 -11.12 8.48
C TYR A 149 -5.46 -10.88 9.41
N LEU A 150 -4.59 -9.93 9.02
CA LEU A 150 -3.42 -9.63 9.83
C LEU A 150 -3.88 -9.12 11.20
N LYS A 151 -4.82 -8.16 11.19
CA LYS A 151 -5.29 -7.58 12.44
C LYS A 151 -5.92 -8.63 13.36
N ALA A 152 -6.62 -9.61 12.76
CA ALA A 152 -7.27 -10.67 13.51
C ALA A 152 -6.25 -11.61 14.15
N ASN A 153 -4.99 -11.58 13.67
CA ASN A 153 -3.88 -12.30 14.24
C ASN A 153 -2.97 -11.39 15.05
N ASN A 154 -3.48 -10.18 15.37
CA ASN A 154 -2.83 -9.17 16.19
C ASN A 154 -1.58 -8.57 15.53
N TYR A 155 -1.45 -8.72 14.19
CA TYR A 155 -0.42 -8.07 13.40
C TYR A 155 -0.97 -6.77 12.80
N PRO B 2 -4.40 -17.60 4.62
CA PRO B 2 -5.80 -17.26 4.37
C PRO B 2 -6.38 -18.07 3.20
#